data_4QO5
#
_entry.id   4QO5
#
_cell.length_a   136.440
_cell.length_b   136.440
_cell.length_c   214.900
_cell.angle_alpha   90.00
_cell.angle_beta   90.00
_cell.angle_gamma   120.00
#
_symmetry.space_group_name_H-M   'H 3 2'
#
loop_
_entity.id
_entity.type
_entity.pdbx_description
1 polymer 'Hypothetical multiheme protein'
2 non-polymer 'HEME C'
3 non-polymer 'CALCIUM ION'
4 non-polymer 2-acetamido-2-deoxy-beta-D-glucopyranose
5 water water
#
_entity_poly.entity_id   1
_entity_poly.type   'polypeptide(L)'
_entity_poly.pdbx_seq_one_letter_code
;ANTVNLQEAVAKLKNVSPQTKTCLSCHISVTPGIVADWLKSKMAHVTPAEAWQKPALEREVSTPLDEIPANLRNVVVGCY
ECHGLNPEKHPDTIDHFGFKIHPIVTPNDCAVCHRTEVEQYSKSSKAWAYYNLMHNPIYRALVNASTMFTCMGKTFGGER
TSQETSCLACHGTVVKVVGTVDTISHGIPVTLVKYEGYPNHGVGRVNPDGSLGACTACHPRHSFDIEIARSPYTCGQCHL
DPDVPAFNVWKESKHGNIWFMHHKKYNMKAPAWKPGADFTAPTCATCHMSLLVNPVTGEVIAERTHNVDTRLWVRLFGLI
YAHPMPRTGQHFKLSVEAMPESTAEALAKQGLTIAKALVGVKLPMPISLAPDIKTGKFLYATLPDGSPGLISEEEMAKRR
EQMVKICSACHNTEYAEYRMRLLDTQIEETNKATLKTTVLLLKAWQSGLAHVDLAKPVTLFDEYIEKLWVESWLFYSNSI
RYGTAMNGQDWTTFKRGWYQLTKDIEHMKTLLRLWEAARAA
;
_entity_poly.pdbx_strand_id   A
#
# COMPACT_ATOMS: atom_id res chain seq x y z
N ALA A 1 -32.12 -20.63 2.70
CA ALA A 1 -31.30 -20.94 3.88
C ALA A 1 -29.99 -20.14 3.82
N ASN A 2 -30.02 -18.92 4.37
CA ASN A 2 -29.12 -17.82 4.00
C ASN A 2 -29.47 -17.18 2.65
N THR A 3 -30.38 -17.81 1.90
CA THR A 3 -30.84 -17.20 0.65
C THR A 3 -31.58 -15.90 0.93
N VAL A 4 -31.15 -14.83 0.27
CA VAL A 4 -31.81 -13.54 0.39
C VAL A 4 -32.86 -13.40 -0.70
N ASN A 5 -34.10 -13.11 -0.32
CA ASN A 5 -35.12 -12.76 -1.31
C ASN A 5 -34.92 -11.27 -1.66
N LEU A 6 -34.32 -11.02 -2.82
CA LEU A 6 -33.89 -9.67 -3.16
C LEU A 6 -35.05 -8.69 -3.32
N GLN A 7 -36.15 -9.14 -3.89
CA GLN A 7 -37.30 -8.28 -4.10
C GLN A 7 -37.92 -7.86 -2.77
N GLU A 8 -38.02 -8.82 -1.84
CA GLU A 8 -38.57 -8.53 -0.53
C GLU A 8 -37.63 -7.61 0.26
N ALA A 9 -36.32 -7.82 0.09
CA ALA A 9 -35.34 -7.01 0.82
C ALA A 9 -35.38 -5.56 0.32
N VAL A 10 -35.53 -5.39 -0.98
CA VAL A 10 -35.63 -4.03 -1.54
C VAL A 10 -36.91 -3.33 -1.06
N ALA A 11 -38.01 -4.07 -1.03
CA ALA A 11 -39.31 -3.52 -0.62
C ALA A 11 -39.34 -3.09 0.85
N LYS A 12 -38.51 -3.71 1.68
CA LYS A 12 -38.46 -3.40 3.10
C LYS A 12 -37.56 -2.21 3.43
N LEU A 13 -36.79 -1.75 2.44
CA LEU A 13 -35.91 -0.61 2.66
C LEU A 13 -36.71 0.65 2.99
N LYS A 14 -36.06 1.61 3.62
CA LYS A 14 -36.72 2.88 3.86
C LYS A 14 -35.77 4.00 3.51
N ASN A 15 -36.36 5.16 3.24
CA ASN A 15 -35.62 6.37 2.92
C ASN A 15 -34.74 6.19 1.69
N VAL A 16 -35.26 5.46 0.70
CA VAL A 16 -34.59 5.33 -0.58
C VAL A 16 -35.02 6.50 -1.49
N SER A 17 -34.08 7.10 -2.21
CA SER A 17 -34.44 8.21 -3.10
C SER A 17 -35.26 7.68 -4.27
N PRO A 18 -36.12 8.53 -4.86
CA PRO A 18 -36.89 8.09 -6.03
C PRO A 18 -35.96 7.65 -7.14
N GLN A 19 -34.81 8.30 -7.27
CA GLN A 19 -33.86 7.94 -8.30
C GLN A 19 -33.31 6.54 -8.08
N THR A 20 -32.87 6.28 -6.86
CA THR A 20 -32.29 4.98 -6.55
C THR A 20 -33.32 3.88 -6.72
N LYS A 21 -34.58 4.16 -6.40
CA LYS A 21 -35.63 3.17 -6.60
C LYS A 21 -35.72 2.75 -8.06
N THR A 22 -35.49 3.69 -8.96
CA THR A 22 -35.47 3.38 -10.38
C THR A 22 -34.26 2.50 -10.75
N CYS A 23 -33.08 2.85 -10.26
CA CYS A 23 -31.90 2.02 -10.50
C CYS A 23 -32.14 0.60 -10.00
N LEU A 24 -32.66 0.48 -8.78
CA LEU A 24 -32.86 -0.83 -8.18
C LEU A 24 -33.85 -1.68 -8.95
N SER A 25 -34.90 -1.04 -9.44
CA SER A 25 -35.97 -1.79 -10.09
C SER A 25 -35.43 -2.52 -11.31
N CYS A 26 -34.39 -1.96 -11.90
CA CYS A 26 -33.77 -2.63 -13.04
C CYS A 26 -32.57 -3.49 -12.67
N HIS A 27 -31.69 -2.94 -11.84
CA HIS A 27 -30.45 -3.62 -11.51
C HIS A 27 -30.63 -4.87 -10.68
N ILE A 28 -31.79 -5.00 -10.03
CA ILE A 28 -32.07 -6.21 -9.26
C ILE A 28 -32.12 -7.42 -10.21
N SER A 29 -32.52 -7.20 -11.44
CA SER A 29 -32.56 -8.31 -12.41
C SER A 29 -31.31 -8.37 -13.30
N VAL A 30 -30.70 -7.23 -13.61
CA VAL A 30 -29.57 -7.27 -14.55
C VAL A 30 -28.22 -7.51 -13.87
N THR A 31 -28.07 -7.02 -12.66
CA THR A 31 -26.87 -7.25 -11.85
C THR A 31 -27.25 -7.60 -10.41
N PRO A 32 -27.86 -8.78 -10.22
CA PRO A 32 -28.38 -9.15 -8.90
C PRO A 32 -27.27 -9.20 -7.85
N GLY A 33 -26.04 -9.51 -8.25
CA GLY A 33 -24.93 -9.55 -7.31
C GLY A 33 -24.62 -8.19 -6.71
N ILE A 34 -24.70 -7.14 -7.53
CA ILE A 34 -24.41 -5.80 -7.04
C ILE A 34 -25.49 -5.36 -6.05
N VAL A 35 -26.75 -5.58 -6.40
CA VAL A 35 -27.84 -5.20 -5.50
C VAL A 35 -27.75 -5.95 -4.16
N ALA A 36 -27.53 -7.27 -4.21
CA ALA A 36 -27.39 -8.03 -2.97
C ALA A 36 -26.23 -7.51 -2.11
N ASP A 37 -25.13 -7.20 -2.75
CA ASP A 37 -23.92 -6.72 -2.08
C ASP A 37 -24.18 -5.35 -1.43
N TRP A 38 -24.79 -4.43 -2.20
CA TRP A 38 -25.19 -3.13 -1.68
C TRP A 38 -26.16 -3.24 -0.50
N LEU A 39 -27.10 -4.17 -0.59
CA LEU A 39 -28.06 -4.42 0.51
C LEU A 39 -27.36 -4.77 1.83
N LYS A 40 -26.12 -5.28 1.75
CA LYS A 40 -25.39 -5.70 2.96
C LYS A 40 -24.63 -4.53 3.58
N SER A 41 -24.54 -3.43 2.85
CA SER A 41 -23.80 -2.26 3.35
C SER A 41 -24.55 -1.47 4.41
N LYS A 42 -23.81 -0.96 5.38
CA LYS A 42 -24.39 -0.05 6.36
C LYS A 42 -25.00 1.15 5.65
N MET A 43 -24.37 1.57 4.56
CA MET A 43 -24.84 2.74 3.81
C MET A 43 -26.24 2.62 3.19
N ALA A 44 -26.68 1.38 2.97
CA ALA A 44 -28.02 1.16 2.40
C ALA A 44 -29.12 1.34 3.44
N HIS A 45 -28.73 1.50 4.71
CA HIS A 45 -29.69 1.50 5.82
C HIS A 45 -29.62 2.71 6.74
N VAL A 46 -28.68 3.61 6.46
CA VAL A 46 -28.48 4.77 7.32
C VAL A 46 -28.39 6.04 6.45
N THR A 47 -29.10 7.09 6.84
CA THR A 47 -28.98 8.37 6.14
C THR A 47 -27.89 9.23 6.83
N PRO A 48 -27.30 10.18 6.10
CA PRO A 48 -26.32 11.09 6.71
C PRO A 48 -26.88 11.83 7.92
N ALA A 49 -28.13 12.26 7.85
CA ALA A 49 -28.75 12.92 8.99
C ALA A 49 -28.89 12.01 10.22
N GLU A 50 -29.18 10.73 9.98
CA GLU A 50 -29.22 9.74 11.07
C GLU A 50 -27.84 9.47 11.64
N ALA A 51 -26.83 9.36 10.79
CA ALA A 51 -25.47 9.11 11.27
C ALA A 51 -25.00 10.26 12.14
N TRP A 52 -25.35 11.48 11.75
CA TRP A 52 -24.96 12.64 12.55
C TRP A 52 -25.60 12.73 13.95
N GLN A 53 -26.65 11.94 14.19
CA GLN A 53 -27.27 11.89 15.51
C GLN A 53 -26.47 11.05 16.51
N LYS A 54 -25.59 10.19 15.99
CA LYS A 54 -24.83 9.26 16.83
C LYS A 54 -23.68 9.99 17.55
N PRO A 55 -23.25 9.45 18.70
CA PRO A 55 -22.14 10.07 19.45
C PRO A 55 -20.86 10.03 18.62
N ALA A 56 -19.95 10.96 18.87
CA ALA A 56 -18.74 11.11 18.06
C ALA A 56 -17.96 9.82 17.82
N LEU A 57 -17.73 9.04 18.88
CA LEU A 57 -16.94 7.81 18.77
C LEU A 57 -17.59 6.73 17.90
N GLU A 58 -18.92 6.75 17.85
CA GLU A 58 -19.70 5.72 17.18
C GLU A 58 -19.93 6.10 15.70
N ARG A 59 -19.86 7.39 15.42
CA ARG A 59 -20.26 7.93 14.13
C ARG A 59 -19.24 7.64 13.02
N GLU A 60 -19.72 7.28 11.83
CA GLU A 60 -18.83 6.99 10.71
C GLU A 60 -19.12 7.85 9.48
N VAL A 61 -19.57 9.09 9.71
CA VAL A 61 -19.58 10.14 8.70
C VAL A 61 -18.74 11.28 9.28
N SER A 62 -18.18 12.13 8.43
CA SER A 62 -17.32 13.17 8.95
C SER A 62 -17.51 14.54 8.29
N THR A 63 -18.10 14.58 7.11
CA THR A 63 -18.45 15.88 6.54
C THR A 63 -19.62 16.45 7.33
N PRO A 64 -19.49 17.70 7.84
CA PRO A 64 -20.58 18.27 8.64
C PRO A 64 -21.92 18.21 7.90
N LEU A 65 -23.01 17.96 8.62
CA LEU A 65 -24.29 17.76 7.97
C LEU A 65 -24.68 18.94 7.10
N ASP A 66 -24.44 20.16 7.59
CA ASP A 66 -24.83 21.34 6.81
C ASP A 66 -23.96 21.58 5.57
N GLU A 67 -22.91 20.79 5.41
CA GLU A 67 -22.07 20.86 4.22
C GLU A 67 -22.29 19.69 3.27
N ILE A 68 -23.18 18.77 3.66
CA ILE A 68 -23.61 17.69 2.77
C ILE A 68 -24.80 18.24 2.00
N PRO A 69 -24.83 18.05 0.67
CA PRO A 69 -25.95 18.58 -0.12
C PRO A 69 -27.31 18.12 0.42
N ALA A 70 -28.26 19.06 0.49
CA ALA A 70 -29.56 18.82 1.09
C ALA A 70 -30.30 17.59 0.55
N ASN A 71 -30.20 17.35 -0.75
CA ASN A 71 -30.86 16.20 -1.35
C ASN A 71 -30.25 14.85 -0.92
N LEU A 72 -29.10 14.87 -0.26
CA LEU A 72 -28.45 13.64 0.19
C LEU A 72 -28.63 13.36 1.67
N ARG A 73 -29.10 14.36 2.42
CA ARG A 73 -29.13 14.25 3.89
C ARG A 73 -30.11 13.23 4.44
N ASN A 74 -31.25 13.09 3.78
CA ASN A 74 -32.35 12.31 4.33
C ASN A 74 -32.71 11.06 3.54
N VAL A 75 -31.76 10.60 2.71
CA VAL A 75 -31.92 9.31 2.05
C VAL A 75 -30.71 8.44 2.33
N VAL A 76 -30.90 7.12 2.25
CA VAL A 76 -29.78 6.21 2.39
C VAL A 76 -28.88 6.37 1.17
N VAL A 77 -27.66 5.87 1.27
CA VAL A 77 -26.68 6.06 0.20
C VAL A 77 -26.85 4.94 -0.83
N GLY A 78 -27.68 5.22 -1.84
CA GLY A 78 -28.03 4.27 -2.87
C GLY A 78 -27.27 4.52 -4.17
N CYS A 79 -27.60 3.74 -5.19
CA CYS A 79 -26.91 3.77 -6.48
C CYS A 79 -26.76 5.20 -7.02
N TYR A 80 -27.85 5.97 -6.95
CA TYR A 80 -27.81 7.32 -7.52
C TYR A 80 -27.02 8.27 -6.65
N GLU A 81 -27.04 8.04 -5.34
CA GLU A 81 -26.37 8.95 -4.40
C GLU A 81 -24.87 8.96 -4.66
N CYS A 82 -24.27 7.82 -4.97
CA CYS A 82 -22.86 7.79 -5.37
C CYS A 82 -22.60 8.08 -6.85
N HIS A 83 -23.25 7.32 -7.73
CA HIS A 83 -22.91 7.37 -9.14
C HIS A 83 -23.43 8.62 -9.83
N GLY A 84 -24.32 9.35 -9.18
CA GLY A 84 -24.83 10.58 -9.77
C GLY A 84 -24.17 11.84 -9.21
N LEU A 85 -23.20 11.68 -8.33
CA LEU A 85 -22.55 12.84 -7.69
C LEU A 85 -21.70 13.69 -8.61
N ASN A 86 -21.91 15.00 -8.57
CA ASN A 86 -21.04 15.96 -9.27
C ASN A 86 -20.73 15.57 -10.73
N PRO A 87 -21.78 15.38 -11.55
CA PRO A 87 -21.59 14.87 -12.91
C PRO A 87 -20.55 15.65 -13.69
N GLU A 88 -20.55 16.97 -13.54
CA GLU A 88 -19.69 17.86 -14.32
C GLU A 88 -18.19 17.66 -14.03
N LYS A 89 -17.87 17.06 -12.88
CA LYS A 89 -16.48 16.82 -12.51
C LYS A 89 -15.93 15.48 -13.00
N HIS A 90 -16.79 14.65 -13.57
CA HIS A 90 -16.37 13.32 -13.99
C HIS A 90 -16.46 13.18 -15.51
N PRO A 91 -15.30 13.01 -16.17
CA PRO A 91 -15.20 12.79 -17.61
C PRO A 91 -15.89 11.49 -18.07
N ASP A 92 -16.09 10.55 -17.14
CA ASP A 92 -16.81 9.31 -17.47
C ASP A 92 -18.30 9.41 -17.18
N THR A 93 -18.79 10.65 -17.03
CA THR A 93 -20.23 10.85 -16.90
C THR A 93 -20.92 10.56 -18.23
N ILE A 94 -21.93 9.70 -18.19
CA ILE A 94 -22.70 9.38 -19.40
C ILE A 94 -24.19 9.43 -19.12
N ASP A 95 -24.99 9.67 -20.15
CA ASP A 95 -26.42 9.51 -19.98
C ASP A 95 -26.74 8.03 -19.82
N HIS A 96 -27.68 7.73 -18.93
CA HIS A 96 -27.96 6.35 -18.57
C HIS A 96 -29.41 6.31 -18.09
N PHE A 97 -30.30 5.92 -18.98
CA PHE A 97 -31.73 5.84 -18.69
C PHE A 97 -32.31 7.09 -18.02
N GLY A 98 -31.89 8.26 -18.50
CA GLY A 98 -32.41 9.52 -18.02
C GLY A 98 -31.59 10.17 -16.93
N PHE A 99 -30.58 9.46 -16.43
CA PHE A 99 -29.73 9.96 -15.37
C PHE A 99 -28.33 10.26 -15.90
N LYS A 100 -27.62 11.17 -15.24
CA LYS A 100 -26.23 11.44 -15.60
C LYS A 100 -25.33 10.75 -14.57
N ILE A 101 -24.77 9.60 -14.95
CA ILE A 101 -24.01 8.83 -13.97
C ILE A 101 -22.59 8.53 -14.45
N HIS A 102 -21.69 8.26 -13.52
CA HIS A 102 -20.33 7.87 -13.86
C HIS A 102 -20.02 6.57 -13.12
N PRO A 103 -19.36 5.62 -13.81
CA PRO A 103 -19.10 4.32 -13.18
C PRO A 103 -18.05 4.38 -12.09
N ILE A 104 -16.98 5.16 -12.28
CA ILE A 104 -15.90 5.14 -11.30
C ILE A 104 -16.17 6.20 -10.23
N VAL A 105 -16.69 5.75 -9.10
CA VAL A 105 -16.89 6.62 -7.96
C VAL A 105 -15.55 6.81 -7.25
N THR A 106 -15.16 8.07 -7.03
CA THR A 106 -13.78 8.38 -6.66
C THR A 106 -13.69 8.90 -5.22
N PRO A 107 -12.47 9.00 -4.68
CA PRO A 107 -12.30 9.59 -3.33
C PRO A 107 -12.97 10.96 -3.19
N ASN A 108 -12.96 11.74 -4.27
CA ASN A 108 -13.64 13.03 -4.20
C ASN A 108 -15.16 12.92 -4.05
N ASP A 109 -15.72 11.83 -4.56
CA ASP A 109 -17.14 11.55 -4.34
C ASP A 109 -17.38 11.12 -2.88
N CYS A 110 -16.57 10.16 -2.41
CA CYS A 110 -16.61 9.73 -1.03
C CYS A 110 -16.50 10.92 -0.08
N ALA A 111 -15.71 11.92 -0.47
CA ALA A 111 -15.42 13.06 0.42
C ALA A 111 -16.65 13.91 0.70
N VAL A 112 -17.69 13.72 -0.11
CA VAL A 112 -18.93 14.45 0.07
C VAL A 112 -19.49 14.19 1.48
N CYS A 113 -19.27 12.98 1.99
CA CYS A 113 -19.70 12.61 3.35
C CYS A 113 -18.58 12.18 4.28
N HIS A 114 -17.42 11.83 3.74
CA HIS A 114 -16.30 11.33 4.54
C HIS A 114 -15.09 12.18 4.30
N ARG A 115 -15.24 13.48 4.51
CA ARG A 115 -14.15 14.43 4.25
C ARG A 115 -12.86 14.10 4.99
N THR A 116 -12.98 13.75 6.27
CA THR A 116 -11.77 13.55 7.07
C THR A 116 -10.94 12.38 6.55
N GLU A 117 -11.62 11.31 6.17
CA GLU A 117 -10.95 10.13 5.67
C GLU A 117 -10.20 10.42 4.38
N VAL A 118 -10.85 11.15 3.48
CA VAL A 118 -10.22 11.49 2.22
C VAL A 118 -9.05 12.47 2.41
N GLU A 119 -9.22 13.46 3.28
CA GLU A 119 -8.12 14.36 3.63
C GLU A 119 -6.90 13.57 4.14
N GLN A 120 -7.14 12.60 5.01
CA GLN A 120 -6.05 11.77 5.52
C GLN A 120 -5.41 10.94 4.43
N TYR A 121 -6.23 10.23 3.67
CA TYR A 121 -5.72 9.38 2.61
C TYR A 121 -4.89 10.12 1.60
N SER A 122 -5.35 11.31 1.22
CA SER A 122 -4.73 12.06 0.12
C SER A 122 -3.32 12.51 0.43
N LYS A 123 -2.97 12.59 1.71
CA LYS A 123 -1.60 12.90 2.15
C LYS A 123 -0.69 11.68 2.20
N SER A 124 -1.27 10.49 2.12
CA SER A 124 -0.54 9.26 2.39
C SER A 124 0.27 8.77 1.19
N SER A 125 1.30 7.98 1.48
CA SER A 125 2.08 7.31 0.45
C SER A 125 1.22 6.44 -0.46
N LYS A 126 0.17 5.83 0.11
CA LYS A 126 -0.74 4.99 -0.68
C LYS A 126 -1.38 5.77 -1.81
N ALA A 127 -1.86 6.98 -1.51
CA ALA A 127 -2.55 7.78 -2.52
C ALA A 127 -1.61 8.11 -3.68
N TRP A 128 -0.33 8.25 -3.36
CA TRP A 128 0.69 8.65 -4.32
C TRP A 128 1.45 7.48 -4.92
N ALA A 129 0.93 6.27 -4.72
CA ALA A 129 1.66 5.04 -5.04
C ALA A 129 2.01 4.89 -6.53
N TYR A 130 1.14 5.36 -7.43
CA TYR A 130 1.48 5.30 -8.84
C TYR A 130 2.69 6.18 -9.14
N TYR A 131 2.67 7.43 -8.67
CA TYR A 131 3.78 8.33 -8.90
C TYR A 131 5.06 7.92 -8.17
N ASN A 132 4.89 7.43 -6.95
CA ASN A 132 6.05 6.92 -6.19
C ASN A 132 6.81 5.85 -6.96
N LEU A 133 6.07 4.98 -7.64
CA LEU A 133 6.65 3.91 -8.44
C LEU A 133 7.07 4.38 -9.82
N MET A 134 6.12 4.95 -10.56
CA MET A 134 6.28 5.11 -12.00
C MET A 134 7.00 6.40 -12.40
N HIS A 135 6.92 7.41 -11.55
CA HIS A 135 7.60 8.67 -11.80
C HIS A 135 8.92 8.81 -11.04
N ASN A 136 9.38 7.70 -10.46
CA ASN A 136 10.73 7.63 -9.93
C ASN A 136 11.58 6.92 -10.98
N PRO A 137 12.57 7.62 -11.55
CA PRO A 137 13.31 7.02 -12.67
C PRO A 137 14.02 5.73 -12.27
N ILE A 138 14.53 5.64 -11.05
CA ILE A 138 15.18 4.42 -10.60
C ILE A 138 14.18 3.29 -10.40
N TYR A 139 13.07 3.59 -9.73
CA TYR A 139 12.09 2.54 -9.46
C TYR A 139 11.41 2.10 -10.76
N ARG A 140 11.22 3.05 -11.66
CA ARG A 140 10.61 2.72 -12.95
C ARG A 140 11.53 1.83 -13.78
N ALA A 141 12.84 2.01 -13.60
CA ALA A 141 13.81 1.15 -14.25
C ALA A 141 13.67 -0.29 -13.74
N LEU A 142 13.38 -0.44 -12.45
CA LEU A 142 13.14 -1.76 -11.86
C LEU A 142 11.86 -2.37 -12.43
N VAL A 143 10.81 -1.54 -12.53
CA VAL A 143 9.56 -1.96 -13.15
C VAL A 143 9.86 -2.50 -14.54
N ASN A 144 10.56 -1.70 -15.33
CA ASN A 144 10.91 -2.09 -16.67
C ASN A 144 11.73 -3.35 -16.82
N ALA A 145 12.77 -3.48 -15.99
CA ALA A 145 13.63 -4.65 -16.03
C ALA A 145 12.86 -5.91 -15.67
N SER A 146 11.77 -5.74 -14.93
CA SER A 146 11.04 -6.88 -14.39
C SER A 146 9.88 -7.33 -15.27
N THR A 147 9.49 -6.50 -16.23
CA THR A 147 8.25 -6.75 -16.97
C THR A 147 8.37 -6.55 -18.47
N MET A 148 9.58 -6.35 -18.96
CA MET A 148 9.80 -6.13 -20.38
C MET A 148 10.98 -6.96 -20.83
N PHE A 149 10.95 -7.38 -22.09
CA PHE A 149 12.09 -8.08 -22.68
C PHE A 149 12.05 -7.86 -24.17
N THR A 150 13.13 -8.22 -24.86
CA THR A 150 13.19 -8.10 -26.30
C THR A 150 13.22 -9.47 -26.96
N CYS A 151 12.55 -9.59 -28.09
CA CYS A 151 12.57 -10.82 -28.87
C CYS A 151 12.69 -10.47 -30.34
N MET A 152 13.85 -10.80 -30.92
CA MET A 152 14.16 -10.54 -32.32
C MET A 152 13.91 -9.09 -32.73
N GLY A 153 14.51 -8.16 -32.01
CA GLY A 153 14.43 -6.75 -32.33
C GLY A 153 13.30 -5.98 -31.69
N LYS A 154 12.24 -6.68 -31.29
CA LYS A 154 11.06 -6.03 -30.74
C LYS A 154 11.01 -6.10 -29.22
N THR A 155 10.45 -5.07 -28.60
CA THR A 155 10.25 -5.04 -27.16
C THR A 155 8.83 -5.50 -26.83
N PHE A 156 8.72 -6.33 -25.81
CA PHE A 156 7.42 -6.79 -25.33
C PHE A 156 7.22 -6.39 -23.88
N GLY A 157 5.97 -6.14 -23.51
CA GLY A 157 5.64 -5.70 -22.18
C GLY A 157 5.58 -4.18 -22.12
N GLY A 158 4.91 -3.65 -21.10
CA GLY A 158 4.80 -2.22 -20.95
C GLY A 158 3.62 -1.84 -20.08
N GLU A 159 3.32 -0.54 -20.01
CA GLU A 159 2.41 -0.04 -18.99
C GLU A 159 0.99 -0.58 -19.08
N ARG A 160 0.49 -0.75 -20.29
CA ARG A 160 -0.89 -1.17 -20.49
C ARG A 160 -1.06 -2.69 -20.52
N THR A 161 0.05 -3.43 -20.47
CA THR A 161 -0.04 -4.89 -20.55
C THR A 161 0.63 -5.58 -19.38
N SER A 162 1.89 -5.96 -19.52
CA SER A 162 2.59 -6.68 -18.44
C SER A 162 2.61 -5.92 -17.12
N GLN A 163 2.71 -4.59 -17.18
CA GLN A 163 2.83 -3.83 -15.95
C GLN A 163 1.45 -3.65 -15.32
N GLU A 164 0.41 -3.65 -16.15
CA GLU A 164 -0.95 -3.47 -15.65
C GLU A 164 -1.44 -4.68 -14.87
N THR A 165 -1.00 -5.87 -15.29
CA THR A 165 -1.41 -7.09 -14.61
C THR A 165 -0.49 -7.41 -13.43
N SER A 166 0.64 -6.68 -13.35
CA SER A 166 1.60 -6.91 -12.26
C SER A 166 1.71 -5.74 -11.28
N CYS A 167 2.76 -4.93 -11.39
CA CYS A 167 2.98 -3.85 -10.41
C CYS A 167 1.76 -2.96 -10.23
N LEU A 168 1.11 -2.58 -11.34
CA LEU A 168 0.05 -1.59 -11.23
C LEU A 168 -1.24 -2.14 -10.63
N ALA A 169 -1.38 -3.47 -10.57
CA ALA A 169 -2.53 -4.06 -9.90
C ALA A 169 -2.58 -3.67 -8.41
N CYS A 170 -1.41 -3.56 -7.79
CA CYS A 170 -1.39 -3.15 -6.39
C CYS A 170 -1.17 -1.68 -6.19
N HIS A 171 -0.27 -1.12 -7.00
CA HIS A 171 0.08 0.30 -6.87
C HIS A 171 -0.96 1.25 -7.48
N GLY A 172 -1.68 0.80 -8.50
CA GLY A 172 -2.64 1.67 -9.18
C GLY A 172 -2.24 1.98 -10.61
N THR A 173 -3.24 2.14 -11.47
CA THR A 173 -3.03 2.55 -12.85
C THR A 173 -3.45 4.01 -13.01
N VAL A 174 -3.19 4.55 -14.20
CA VAL A 174 -3.80 5.83 -14.60
C VAL A 174 -5.02 5.49 -15.46
N VAL A 175 -6.20 5.91 -15.02
CA VAL A 175 -7.42 5.62 -15.74
C VAL A 175 -7.65 6.72 -16.80
N LYS A 176 -7.85 6.29 -18.03
CA LYS A 176 -8.18 7.22 -19.10
C LYS A 176 -9.53 6.86 -19.73
N VAL A 177 -10.40 7.87 -19.91
CA VAL A 177 -11.67 7.62 -20.57
C VAL A 177 -11.41 7.81 -22.06
N VAL A 178 -11.66 6.77 -22.86
CA VAL A 178 -11.27 6.83 -24.26
C VAL A 178 -12.44 6.78 -25.26
N GLY A 179 -13.65 6.59 -24.74
CA GLY A 179 -14.82 6.60 -25.57
C GLY A 179 -15.98 5.87 -24.92
N THR A 180 -16.86 5.31 -25.75
CA THR A 180 -17.99 4.54 -25.27
C THR A 180 -18.23 3.35 -26.19
N VAL A 181 -18.98 2.36 -25.71
CA VAL A 181 -19.37 1.23 -26.53
C VAL A 181 -20.87 0.95 -26.39
N ASP A 182 -21.55 0.81 -27.52
CA ASP A 182 -22.97 0.47 -27.52
C ASP A 182 -23.14 -1.03 -27.43
N THR A 183 -23.78 -1.50 -26.37
CA THR A 183 -24.03 -2.92 -26.20
C THR A 183 -25.52 -3.20 -26.09
N ILE A 184 -25.88 -4.46 -26.32
CA ILE A 184 -27.23 -4.91 -26.00
C ILE A 184 -27.09 -5.82 -24.79
N SER A 185 -27.92 -5.58 -23.79
CA SER A 185 -27.77 -6.27 -22.52
C SER A 185 -29.13 -6.63 -21.96
N HIS A 186 -29.38 -7.93 -21.81
CA HIS A 186 -30.68 -8.44 -21.41
C HIS A 186 -31.80 -7.87 -22.28
N GLY A 187 -31.49 -7.61 -23.55
CA GLY A 187 -32.47 -7.11 -24.50
C GLY A 187 -32.49 -5.59 -24.59
N ILE A 188 -31.80 -4.93 -23.67
CA ILE A 188 -31.78 -3.47 -23.62
C ILE A 188 -30.55 -2.91 -24.32
N PRO A 189 -30.73 -1.87 -25.15
CA PRO A 189 -29.58 -1.13 -25.67
C PRO A 189 -28.99 -0.24 -24.56
N VAL A 190 -27.69 -0.38 -24.31
CA VAL A 190 -27.02 0.37 -23.26
C VAL A 190 -25.65 0.83 -23.73
N THR A 191 -25.35 2.11 -23.52
CA THR A 191 -24.02 2.61 -23.81
C THR A 191 -23.15 2.55 -22.55
N LEU A 192 -21.95 1.99 -22.69
CA LEU A 192 -21.02 1.86 -21.56
C LEU A 192 -19.78 2.68 -21.82
N VAL A 193 -19.10 3.06 -20.75
CA VAL A 193 -17.86 3.82 -20.91
C VAL A 193 -16.72 2.89 -21.30
N LYS A 194 -15.91 3.32 -22.26
CA LYS A 194 -14.69 2.59 -22.60
C LYS A 194 -13.49 3.24 -21.92
N TYR A 195 -12.77 2.44 -21.13
CA TYR A 195 -11.62 2.94 -20.38
C TYR A 195 -10.31 2.32 -20.84
N GLU A 196 -9.22 3.01 -20.52
CA GLU A 196 -7.91 2.38 -20.41
C GLU A 196 -7.50 2.46 -18.94
N GLY A 197 -7.10 1.33 -18.38
CA GLY A 197 -6.64 1.32 -17.00
C GLY A 197 -7.69 1.09 -15.93
N TYR A 198 -8.92 0.77 -16.35
CA TYR A 198 -9.98 0.36 -15.42
C TYR A 198 -10.77 -0.80 -16.06
N PRO A 199 -11.07 -1.89 -15.30
CA PRO A 199 -10.86 -2.13 -13.86
C PRO A 199 -9.43 -2.07 -13.36
N ASN A 200 -9.29 -1.42 -12.22
CA ASN A 200 -8.07 -1.45 -11.43
C ASN A 200 -8.46 -0.89 -10.09
N HIS A 201 -7.92 -1.48 -9.00
CA HIS A 201 -8.22 -0.95 -7.67
C HIS A 201 -6.97 -0.86 -6.79
N GLY A 202 -5.84 -0.52 -7.40
CA GLY A 202 -4.63 -0.29 -6.63
C GLY A 202 -4.74 0.99 -5.81
N VAL A 203 -3.97 1.09 -4.73
CA VAL A 203 -4.18 2.17 -3.78
C VAL A 203 -3.92 3.56 -4.32
N GLY A 204 -3.03 3.69 -5.31
CA GLY A 204 -2.73 4.98 -5.89
C GLY A 204 -3.35 5.20 -7.26
N ARG A 205 -4.49 4.55 -7.52
CA ARG A 205 -5.14 4.69 -8.84
C ARG A 205 -5.39 6.16 -9.16
N VAL A 206 -5.04 6.58 -10.38
CA VAL A 206 -5.27 7.97 -10.80
C VAL A 206 -6.61 8.03 -11.54
N ASN A 207 -7.61 8.61 -10.88
CA ASN A 207 -8.98 8.57 -11.35
C ASN A 207 -9.25 9.58 -12.46
N PRO A 208 -10.35 9.39 -13.20
CA PRO A 208 -10.69 10.31 -14.27
C PRO A 208 -10.89 11.77 -13.82
N ASP A 209 -11.30 11.99 -12.58
CA ASP A 209 -11.49 13.35 -12.06
C ASP A 209 -10.20 13.92 -11.46
N GLY A 210 -9.12 13.15 -11.57
CA GLY A 210 -7.82 13.61 -11.10
C GLY A 210 -7.53 13.30 -9.65
N SER A 211 -8.53 12.86 -8.88
CA SER A 211 -8.26 12.46 -7.51
C SER A 211 -7.44 11.17 -7.52
N LEU A 212 -6.77 10.92 -6.40
CA LEU A 212 -5.90 9.76 -6.27
C LEU A 212 -6.44 8.73 -5.29
N GLY A 213 -6.49 7.47 -5.71
CA GLY A 213 -6.77 6.38 -4.80
C GLY A 213 -7.98 5.56 -5.20
N ALA A 214 -8.04 4.33 -4.70
CA ALA A 214 -9.25 3.54 -4.83
C ALA A 214 -9.80 3.30 -3.44
N CYS A 215 -10.98 3.83 -3.14
CA CYS A 215 -11.55 3.62 -1.81
C CYS A 215 -12.19 2.25 -1.62
N THR A 216 -12.04 1.37 -2.60
CA THR A 216 -12.58 0.02 -2.47
C THR A 216 -11.48 -1.00 -2.20
N ALA A 217 -10.24 -0.55 -2.17
CA ALA A 217 -9.25 -1.40 -1.55
C ALA A 217 -9.63 -1.46 -0.07
N CYS A 218 -9.37 -2.60 0.57
CA CYS A 218 -9.61 -2.83 2.01
C CYS A 218 -11.06 -3.11 2.35
N HIS A 219 -11.94 -2.17 2.01
CA HIS A 219 -13.38 -2.44 2.13
C HIS A 219 -13.99 -2.33 0.73
N PRO A 220 -14.11 -3.47 0.04
CA PRO A 220 -14.63 -3.48 -1.35
C PRO A 220 -16.06 -3.02 -1.47
N ARG A 221 -16.41 -2.54 -2.67
CA ARG A 221 -17.80 -2.29 -3.00
C ARG A 221 -18.44 -3.67 -3.24
N HIS A 222 -19.77 -3.79 -3.15
CA HIS A 222 -20.64 -2.71 -2.71
C HIS A 222 -21.07 -2.85 -1.26
N SER A 223 -20.45 -3.79 -0.54
CA SER A 223 -20.77 -3.98 0.87
C SER A 223 -20.08 -2.94 1.75
N PHE A 224 -18.92 -2.44 1.31
CA PHE A 224 -18.16 -1.41 2.06
C PHE A 224 -18.12 -1.74 3.56
N ASP A 225 -17.67 -2.95 3.85
CA ASP A 225 -17.83 -3.55 5.17
C ASP A 225 -16.55 -3.38 5.98
N ILE A 226 -16.63 -2.70 7.13
CA ILE A 226 -15.44 -2.56 7.96
C ILE A 226 -15.02 -3.90 8.56
N GLU A 227 -15.93 -4.88 8.57
CA GLU A 227 -15.54 -6.20 9.03
C GLU A 227 -14.56 -6.81 8.03
N ILE A 228 -14.75 -6.52 6.74
CA ILE A 228 -13.76 -6.92 5.76
C ILE A 228 -12.46 -6.11 5.87
N ALA A 229 -12.59 -4.80 6.07
CA ALA A 229 -11.42 -3.92 6.17
C ALA A 229 -10.55 -4.32 7.36
N ARG A 230 -11.17 -4.85 8.40
CA ARG A 230 -10.40 -5.28 9.57
C ARG A 230 -9.95 -6.73 9.56
N SER A 231 -10.18 -7.41 8.45
CA SER A 231 -9.75 -8.82 8.33
C SER A 231 -8.32 -8.81 7.80
N PRO A 232 -7.58 -9.91 7.99
CA PRO A 232 -6.26 -9.97 7.36
C PRO A 232 -6.33 -10.24 5.86
N TYR A 233 -7.41 -10.87 5.43
CA TYR A 233 -7.54 -11.33 4.05
C TYR A 233 -7.49 -10.17 3.09
N THR A 234 -8.12 -9.08 3.49
CA THR A 234 -8.22 -7.95 2.60
C THR A 234 -6.85 -7.29 2.29
N CYS A 235 -5.98 -7.19 3.30
CA CYS A 235 -4.65 -6.63 3.08
C CYS A 235 -3.77 -7.61 2.35
N GLY A 236 -4.09 -8.89 2.51
CA GLY A 236 -3.43 -9.96 1.77
C GLY A 236 -3.66 -9.94 0.27
N GLN A 237 -4.51 -9.05 -0.22
CA GLN A 237 -4.62 -8.85 -1.67
C GLN A 237 -3.26 -8.42 -2.18
N CYS A 238 -2.57 -7.60 -1.39
CA CYS A 238 -1.36 -6.92 -1.87
C CYS A 238 -0.14 -7.06 -0.97
N HIS A 239 -0.36 -7.47 0.27
CA HIS A 239 0.79 -7.57 1.18
C HIS A 239 1.22 -9.01 1.38
N LEU A 240 1.85 -9.57 0.35
CA LEU A 240 2.26 -10.96 0.32
C LEU A 240 3.74 -11.17 0.03
N ASP A 241 4.19 -12.36 0.40
CA ASP A 241 5.47 -12.92 0.01
C ASP A 241 5.67 -12.83 -1.51
N PRO A 242 6.91 -12.62 -1.97
CA PRO A 242 8.20 -12.50 -1.25
C PRO A 242 8.61 -11.10 -0.85
N ASP A 243 8.01 -10.07 -1.47
CA ASP A 243 8.49 -8.70 -1.29
C ASP A 243 7.92 -7.98 -0.08
N VAL A 244 6.66 -8.27 0.24
CA VAL A 244 5.99 -7.51 1.28
C VAL A 244 5.12 -8.44 2.14
N PRO A 245 5.75 -9.46 2.77
CA PRO A 245 5.01 -10.62 3.28
C PRO A 245 4.28 -10.37 4.60
N ALA A 246 3.64 -9.22 4.76
CA ALA A 246 2.96 -8.96 6.02
C ALA A 246 1.82 -9.96 6.30
N PHE A 247 1.07 -10.34 5.27
CA PHE A 247 0.01 -11.33 5.48
C PHE A 247 0.56 -12.67 5.95
N ASN A 248 1.66 -13.09 5.34
CA ASN A 248 2.21 -14.42 5.58
C ASN A 248 2.82 -14.49 6.97
N VAL A 249 3.51 -13.41 7.33
CA VAL A 249 4.09 -13.27 8.66
C VAL A 249 2.99 -13.31 9.71
N TRP A 250 1.95 -12.51 9.51
CA TRP A 250 0.85 -12.46 10.48
C TRP A 250 0.15 -13.81 10.62
N LYS A 251 -0.11 -14.47 9.50
CA LYS A 251 -0.75 -15.78 9.52
C LYS A 251 0.01 -16.79 10.38
N GLU A 252 1.34 -16.77 10.32
CA GLU A 252 2.12 -17.71 11.13
C GLU A 252 2.30 -17.24 12.57
N SER A 253 2.09 -15.95 12.83
CA SER A 253 2.23 -15.41 14.17
C SER A 253 1.12 -15.91 15.08
N LYS A 254 1.39 -15.91 16.39
CA LYS A 254 0.36 -16.33 17.33
C LYS A 254 -0.88 -15.44 17.27
N HIS A 255 -0.71 -14.14 17.02
CA HIS A 255 -1.86 -13.27 16.83
C HIS A 255 -2.77 -13.84 15.76
N GLY A 256 -2.17 -14.24 14.65
CA GLY A 256 -2.92 -14.82 13.53
C GLY A 256 -3.57 -16.15 13.84
N ASN A 257 -2.82 -17.07 14.46
CA ASN A 257 -3.35 -18.38 14.81
C ASN A 257 -4.61 -18.22 15.66
N ILE A 258 -4.52 -17.37 16.67
CA ILE A 258 -5.64 -17.15 17.59
C ILE A 258 -6.83 -16.48 16.87
N TRP A 259 -6.55 -15.51 16.03
CA TRP A 259 -7.61 -14.81 15.32
C TRP A 259 -8.41 -15.79 14.46
N PHE A 260 -7.70 -16.64 13.72
CA PHE A 260 -8.39 -17.63 12.86
C PHE A 260 -9.41 -18.47 13.64
N MET A 261 -9.04 -18.89 14.85
CA MET A 261 -9.92 -19.74 15.64
C MET A 261 -10.95 -19.03 16.51
N HIS A 262 -10.65 -17.80 16.93
CA HIS A 262 -11.53 -17.10 17.88
C HIS A 262 -12.36 -15.94 17.29
N HIS A 263 -12.09 -15.52 16.06
CA HIS A 263 -12.75 -14.31 15.55
C HIS A 263 -14.27 -14.45 15.38
N LYS A 264 -14.76 -15.70 15.34
CA LYS A 264 -16.18 -15.95 15.28
C LYS A 264 -16.90 -15.44 16.53
N LYS A 265 -16.14 -15.22 17.62
CA LYS A 265 -16.75 -14.70 18.84
C LYS A 265 -16.34 -13.23 19.09
N TYR A 266 -15.64 -12.64 18.13
CA TYR A 266 -15.29 -11.21 18.21
C TYR A 266 -16.40 -10.34 17.65
N ASN A 267 -16.47 -9.10 18.12
CA ASN A 267 -17.36 -8.15 17.47
C ASN A 267 -16.46 -7.45 16.50
N MET A 268 -16.56 -7.76 15.21
CA MET A 268 -15.76 -7.16 14.16
C MET A 268 -16.35 -5.86 13.58
N LYS A 269 -17.55 -5.46 14.02
CA LYS A 269 -18.33 -4.34 13.45
C LYS A 269 -18.48 -3.04 14.28
N ALA A 270 -18.18 -3.06 15.58
CA ALA A 270 -18.31 -1.85 16.41
C ALA A 270 -17.45 -0.71 15.86
N PRO A 271 -18.04 0.45 15.57
CA PRO A 271 -17.15 1.47 15.00
C PRO A 271 -15.98 1.93 15.90
N ALA A 272 -16.22 2.05 17.20
CA ALA A 272 -15.10 2.30 18.11
C ALA A 272 -14.64 0.96 18.66
N TRP A 273 -13.48 0.50 18.17
CA TRP A 273 -12.99 -0.89 18.39
C TRP A 273 -12.46 -1.02 19.80
N LYS A 274 -12.93 -2.02 20.53
CA LYS A 274 -12.51 -2.13 21.94
C LYS A 274 -11.70 -3.38 22.19
N PRO A 275 -10.38 -3.23 22.44
CA PRO A 275 -9.55 -4.39 22.78
C PRO A 275 -10.13 -5.15 23.95
N GLY A 276 -10.11 -6.47 23.89
CA GLY A 276 -10.64 -7.25 24.99
C GLY A 276 -12.14 -7.47 24.83
N ALA A 277 -12.90 -6.38 24.90
CA ALA A 277 -14.35 -6.45 24.82
C ALA A 277 -14.79 -6.96 23.45
N ASP A 278 -14.13 -6.49 22.39
CA ASP A 278 -14.50 -6.79 20.99
C ASP A 278 -13.59 -7.82 20.34
N PHE A 279 -12.36 -7.97 20.84
CA PHE A 279 -11.40 -8.89 20.23
C PHE A 279 -10.22 -9.14 21.16
N THR A 280 -9.60 -10.30 21.06
CA THR A 280 -8.47 -10.66 21.92
C THR A 280 -7.19 -10.96 21.12
N ALA A 281 -7.27 -10.81 19.81
CA ALA A 281 -6.08 -10.94 18.95
C ALA A 281 -6.17 -9.87 17.88
N PRO A 282 -5.05 -9.19 17.59
CA PRO A 282 -5.02 -8.05 16.66
C PRO A 282 -4.89 -8.46 15.19
N THR A 283 -5.59 -7.75 14.31
CA THR A 283 -5.37 -7.87 12.88
C THR A 283 -4.60 -6.67 12.36
N CYS A 284 -4.37 -6.64 11.05
CA CYS A 284 -3.65 -5.53 10.43
C CYS A 284 -4.23 -4.19 10.84
N ALA A 285 -5.54 -4.05 10.73
CA ALA A 285 -6.20 -2.78 11.05
C ALA A 285 -5.97 -2.38 12.52
N THR A 286 -6.00 -3.36 13.42
CA THR A 286 -5.83 -3.09 14.85
C THR A 286 -4.59 -2.27 15.11
N CYS A 287 -3.49 -2.67 14.47
CA CYS A 287 -2.22 -2.01 14.77
C CYS A 287 -1.91 -0.86 13.84
N HIS A 288 -2.56 -0.84 12.68
CA HIS A 288 -2.20 0.11 11.63
C HIS A 288 -3.14 1.25 11.33
N MET A 289 -4.42 1.11 11.70
CA MET A 289 -5.43 2.04 11.21
C MET A 289 -6.57 2.35 12.16
N SER A 290 -6.95 1.37 12.96
CA SER A 290 -8.25 1.43 13.67
C SER A 290 -8.34 2.47 14.78
N LEU A 291 -9.54 2.99 15.00
CA LEU A 291 -9.88 3.66 16.26
C LEU A 291 -9.97 2.59 17.34
N LEU A 292 -9.17 2.73 18.40
CA LEU A 292 -9.18 1.78 19.51
C LEU A 292 -9.53 2.52 20.80
N VAL A 293 -10.51 1.99 21.53
CA VAL A 293 -10.99 2.64 22.76
C VAL A 293 -10.98 1.65 23.92
N ASN A 294 -10.52 2.09 25.08
CA ASN A 294 -10.52 1.22 26.26
C ASN A 294 -11.95 0.94 26.72
N PRO A 295 -12.32 -0.35 26.85
CA PRO A 295 -13.72 -0.72 27.11
C PRO A 295 -14.22 -0.34 28.48
N VAL A 296 -13.29 -0.12 29.40
CA VAL A 296 -13.63 0.22 30.78
C VAL A 296 -13.49 1.71 31.08
N THR A 297 -12.42 2.32 30.59
CA THR A 297 -12.16 3.73 30.91
C THR A 297 -12.68 4.70 29.85
N GLY A 298 -12.89 4.21 28.63
CA GLY A 298 -13.34 5.09 27.57
C GLY A 298 -12.20 5.87 26.92
N GLU A 299 -10.99 5.71 27.46
CA GLU A 299 -9.81 6.36 26.91
C GLU A 299 -9.55 5.91 25.47
N VAL A 300 -9.27 6.88 24.59
CA VAL A 300 -8.85 6.54 23.24
C VAL A 300 -7.43 6.00 23.28
N ILE A 301 -7.25 4.75 22.87
CA ILE A 301 -5.94 4.13 22.82
C ILE A 301 -5.21 4.52 21.54
N ALA A 302 -5.94 4.61 20.44
CA ALA A 302 -5.36 5.02 19.18
C ALA A 302 -6.46 5.68 18.36
N GLU A 303 -6.17 6.84 17.80
CA GLU A 303 -7.09 7.50 16.87
C GLU A 303 -7.05 6.82 15.50
N ARG A 304 -8.22 6.68 14.88
CA ARG A 304 -8.27 6.11 13.54
C ARG A 304 -7.41 6.93 12.58
N THR A 305 -6.72 6.26 11.67
CA THR A 305 -6.04 6.97 10.58
C THR A 305 -6.20 6.30 9.21
N HIS A 306 -6.46 7.11 8.19
CA HIS A 306 -6.42 6.63 6.82
C HIS A 306 -5.13 7.04 6.14
N ASN A 307 -4.20 7.53 6.94
CA ASN A 307 -2.85 7.73 6.45
C ASN A 307 -1.97 6.81 7.26
N VAL A 308 -1.72 5.62 6.72
CA VAL A 308 -1.01 4.60 7.51
C VAL A 308 0.42 5.01 7.89
N ASP A 309 1.03 5.90 7.10
CA ASP A 309 2.38 6.38 7.38
C ASP A 309 2.53 6.93 8.80
N THR A 310 1.47 7.54 9.31
CA THR A 310 1.54 8.26 10.57
C THR A 310 1.84 7.39 11.77
N ARG A 311 1.72 6.08 11.60
CA ARG A 311 1.99 5.13 12.68
C ARG A 311 3.37 4.50 12.61
N LEU A 312 4.07 4.69 11.50
CA LEU A 312 5.35 4.03 11.26
C LEU A 312 6.53 4.93 11.59
N TRP A 313 7.52 4.40 12.32
CA TRP A 313 8.70 5.21 12.62
C TRP A 313 9.86 4.88 11.68
N VAL A 314 9.89 3.65 11.20
CA VAL A 314 11.01 3.22 10.36
C VAL A 314 10.51 2.42 9.17
N ARG A 315 10.94 2.80 7.96
CA ARG A 315 10.50 2.07 6.76
C ARG A 315 11.24 0.76 6.66
N LEU A 316 10.52 -0.35 6.80
CA LEU A 316 11.11 -1.69 6.77
C LEU A 316 11.37 -2.18 5.34
N PHE A 317 10.68 -1.55 4.37
CA PHE A 317 10.90 -1.84 2.96
C PHE A 317 12.17 -1.13 2.51
N GLY A 318 13.21 -1.90 2.22
CA GLY A 318 14.52 -1.33 1.96
C GLY A 318 14.63 -0.61 0.62
N LEU A 319 15.12 0.63 0.66
CA LEU A 319 15.32 1.37 -0.58
C LEU A 319 16.68 2.06 -0.65
N ILE A 320 17.78 1.30 -0.60
CA ILE A 320 17.76 -0.16 -0.53
C ILE A 320 17.89 -0.63 0.93
N TYR A 321 18.18 0.31 1.83
CA TYR A 321 18.25 0.04 3.27
C TYR A 321 16.96 0.47 3.97
N ALA A 322 16.69 -0.13 5.13
CA ALA A 322 15.60 0.33 6.00
C ALA A 322 16.02 1.70 6.54
N HIS A 323 15.05 2.60 6.66
CA HIS A 323 15.36 4.01 6.93
C HIS A 323 14.23 4.69 7.68
N PRO A 324 14.51 5.82 8.36
CA PRO A 324 13.40 6.47 9.06
C PRO A 324 12.28 6.82 8.07
N MET A 325 11.04 6.80 8.54
CA MET A 325 9.90 7.01 7.64
C MET A 325 9.96 8.39 6.95
N PRO A 326 9.67 8.46 5.64
CA PRO A 326 9.56 9.79 5.03
C PRO A 326 8.47 10.66 5.66
N ARG A 327 8.70 11.98 5.70
CA ARG A 327 7.75 12.92 6.29
C ARG A 327 6.48 13.06 5.48
N THR A 328 6.60 13.00 4.15
CA THR A 328 5.40 13.12 3.29
C THR A 328 5.22 11.89 2.41
N GLY A 329 4.04 11.80 1.81
CA GLY A 329 3.69 10.63 1.01
C GLY A 329 4.22 10.71 -0.41
N GLN A 330 4.75 11.86 -0.80
CA GLN A 330 5.31 12.04 -2.13
C GLN A 330 6.77 11.61 -2.19
N HIS A 331 6.99 10.29 -2.22
CA HIS A 331 8.34 9.74 -2.15
C HIS A 331 9.19 10.06 -3.37
N PHE A 332 8.54 10.28 -4.52
CA PHE A 332 9.26 10.61 -5.76
C PHE A 332 9.96 11.98 -5.68
N LYS A 333 9.67 12.75 -4.64
CA LYS A 333 10.30 14.05 -4.46
C LYS A 333 11.57 14.01 -3.60
N LEU A 334 11.87 12.84 -3.06
CA LEU A 334 13.05 12.68 -2.21
C LEU A 334 14.31 12.66 -3.07
N SER A 335 15.39 13.23 -2.54
CA SER A 335 16.67 13.21 -3.24
C SER A 335 17.81 13.09 -2.23
N VAL A 336 18.71 12.13 -2.45
CA VAL A 336 19.81 11.89 -1.51
C VAL A 336 21.16 11.85 -2.25
N GLU A 337 22.22 12.31 -1.59
CA GLU A 337 23.57 12.06 -2.08
C GLU A 337 23.84 10.55 -2.04
N ALA A 338 24.25 9.99 -3.17
CA ALA A 338 24.33 8.54 -3.31
C ALA A 338 25.53 7.90 -2.63
N MET A 339 26.68 8.54 -2.73
CA MET A 339 27.94 7.94 -2.30
C MET A 339 28.86 8.97 -1.65
N PRO A 340 29.10 8.84 -0.34
CA PRO A 340 30.05 9.75 0.32
C PRO A 340 31.45 9.55 -0.26
N GLU A 341 32.20 10.63 -0.44
CA GLU A 341 33.52 10.56 -1.06
C GLU A 341 34.54 9.77 -0.24
N SER A 342 34.39 9.77 1.08
CA SER A 342 35.33 9.07 1.94
C SER A 342 35.13 7.56 1.76
N THR A 343 33.89 7.15 1.54
CA THR A 343 33.58 5.76 1.29
C THR A 343 34.06 5.35 -0.09
N ALA A 344 33.83 6.21 -1.09
CA ALA A 344 34.26 5.95 -2.45
C ALA A 344 35.78 5.79 -2.53
N GLU A 345 36.49 6.62 -1.78
CA GLU A 345 37.94 6.57 -1.75
C GLU A 345 38.44 5.25 -1.15
N ALA A 346 37.78 4.82 -0.08
CA ALA A 346 38.08 3.54 0.54
C ALA A 346 37.81 2.39 -0.42
N LEU A 347 36.72 2.49 -1.17
CA LEU A 347 36.39 1.47 -2.16
C LEU A 347 37.43 1.43 -3.29
N ALA A 348 37.88 2.60 -3.72
CA ALA A 348 38.83 2.70 -4.83
C ALA A 348 40.21 2.20 -4.42
N LYS A 349 40.51 2.28 -3.13
CA LYS A 349 41.79 1.80 -2.62
C LYS A 349 41.85 0.28 -2.66
N GLN A 350 40.68 -0.35 -2.69
CA GLN A 350 40.60 -1.81 -2.77
C GLN A 350 40.34 -2.28 -4.20
N GLY A 351 40.36 -1.36 -5.15
CA GLY A 351 40.23 -1.71 -6.55
C GLY A 351 38.84 -1.54 -7.15
N LEU A 352 37.88 -1.16 -6.31
CA LEU A 352 36.52 -0.90 -6.78
C LEU A 352 36.37 0.57 -7.13
N THR A 353 36.91 0.97 -8.27
CA THR A 353 36.96 2.37 -8.68
C THR A 353 35.64 2.89 -9.23
N ILE A 354 34.68 1.98 -9.44
CA ILE A 354 33.38 2.35 -9.96
C ILE A 354 32.65 3.35 -9.06
N ALA A 355 32.80 3.16 -7.75
CA ALA A 355 32.15 4.05 -6.78
C ALA A 355 32.51 5.52 -6.99
N LYS A 356 33.64 5.78 -7.64
CA LYS A 356 34.07 7.14 -7.93
C LYS A 356 33.05 7.91 -8.76
N ALA A 357 32.39 7.21 -9.68
CA ALA A 357 31.42 7.84 -10.57
C ALA A 357 30.11 8.20 -9.87
N LEU A 358 29.99 7.85 -8.60
CA LEU A 358 28.78 8.14 -7.84
C LEU A 358 28.94 9.32 -6.88
N VAL A 359 30.17 9.78 -6.71
CA VAL A 359 30.44 10.90 -5.81
C VAL A 359 29.78 12.17 -6.36
N GLY A 360 28.95 12.80 -5.56
CA GLY A 360 28.25 14.01 -5.97
C GLY A 360 27.00 13.76 -6.79
N VAL A 361 26.67 12.49 -7.01
CA VAL A 361 25.45 12.15 -7.73
C VAL A 361 24.28 12.09 -6.76
N LYS A 362 23.15 12.69 -7.17
CA LYS A 362 21.92 12.61 -6.39
C LYS A 362 21.04 11.52 -6.96
N LEU A 363 20.45 10.70 -6.09
CA LEU A 363 19.51 9.68 -6.53
C LEU A 363 18.16 9.95 -5.88
N PRO A 364 17.06 9.58 -6.56
CA PRO A 364 15.73 9.73 -5.96
C PRO A 364 15.43 8.57 -5.03
N MET A 365 16.11 8.56 -3.89
CA MET A 365 15.98 7.49 -2.90
C MET A 365 16.01 8.14 -1.51
N PRO A 366 15.53 7.43 -0.48
CA PRO A 366 15.47 8.03 0.85
C PRO A 366 16.79 8.00 1.60
N ILE A 367 17.69 7.13 1.16
CA ILE A 367 18.93 6.90 1.88
C ILE A 367 20.06 6.61 0.89
N SER A 368 21.28 6.94 1.25
CA SER A 368 22.45 6.74 0.38
C SER A 368 22.74 5.25 0.14
N LEU A 369 23.61 4.96 -0.83
CA LEU A 369 23.91 3.58 -1.20
C LEU A 369 24.90 2.94 -0.23
N ALA A 370 25.62 3.78 0.51
CA ALA A 370 26.60 3.29 1.46
C ALA A 370 26.72 4.30 2.59
N PRO A 371 27.08 3.85 3.80
CA PRO A 371 27.31 4.83 4.87
C PRO A 371 28.63 5.55 4.65
N ASP A 372 28.87 6.63 5.39
CA ASP A 372 30.16 7.29 5.32
C ASP A 372 31.12 6.52 6.21
N ILE A 373 32.26 6.13 5.65
CA ILE A 373 33.18 5.24 6.34
C ILE A 373 33.81 5.90 7.57
N LYS A 374 33.97 7.22 7.51
CA LYS A 374 34.47 7.97 8.65
C LYS A 374 33.46 7.93 9.80
N THR A 375 32.27 8.47 9.55
CA THR A 375 31.26 8.65 10.59
C THR A 375 30.49 7.37 10.92
N GLY A 376 30.34 6.49 9.93
CA GLY A 376 29.56 5.28 10.11
C GLY A 376 28.08 5.52 9.86
N LYS A 377 27.74 6.72 9.40
CA LYS A 377 26.34 7.09 9.19
C LYS A 377 25.94 7.11 7.71
N PHE A 378 24.68 6.76 7.44
CA PHE A 378 24.13 6.97 6.11
C PHE A 378 23.76 8.44 5.93
N LEU A 379 23.59 8.86 4.69
CA LEU A 379 23.02 10.17 4.38
C LEU A 379 21.53 10.00 4.09
N TYR A 380 20.72 10.95 4.55
CA TYR A 380 19.28 10.86 4.36
C TYR A 380 18.83 11.89 3.33
N ALA A 381 17.73 11.59 2.66
CA ALA A 381 17.23 12.43 1.57
C ALA A 381 16.72 13.76 2.07
N THR A 382 16.68 14.74 1.15
CA THR A 382 15.98 15.99 1.39
C THR A 382 14.82 16.12 0.40
N LEU A 383 13.94 17.07 0.67
CA LEU A 383 12.84 17.41 -0.23
C LEU A 383 13.25 18.61 -1.09
N PRO A 384 12.46 18.94 -2.14
CA PRO A 384 12.87 20.03 -3.04
C PRO A 384 13.10 21.39 -2.38
N ASP A 385 12.47 21.66 -1.25
CA ASP A 385 12.73 22.90 -0.52
C ASP A 385 14.01 22.78 0.30
N GLY A 386 14.67 21.63 0.23
CA GLY A 386 15.92 21.41 0.94
C GLY A 386 15.74 20.97 2.39
N SER A 387 14.49 20.82 2.82
CA SER A 387 14.21 20.40 4.20
C SER A 387 14.40 18.87 4.32
N PRO A 388 14.61 18.37 5.55
CA PRO A 388 14.80 16.91 5.70
C PRO A 388 13.61 16.10 5.18
N GLY A 389 13.89 15.05 4.41
CA GLY A 389 12.83 14.26 3.83
C GLY A 389 12.25 13.20 4.75
N LEU A 390 13.01 12.83 5.79
CA LEU A 390 12.62 11.76 6.69
C LEU A 390 12.33 12.31 8.09
N ILE A 391 11.52 11.58 8.87
CA ILE A 391 11.12 12.07 10.17
C ILE A 391 12.27 12.15 11.17
N SER A 392 12.14 13.06 12.13
CA SER A 392 13.15 13.28 13.16
C SER A 392 13.17 12.13 14.16
N GLU A 393 14.21 12.08 14.97
CA GLU A 393 14.31 11.05 16.00
C GLU A 393 13.18 11.21 17.02
N GLU A 394 12.84 12.46 17.31
CA GLU A 394 11.76 12.74 18.25
C GLU A 394 10.44 12.23 17.73
N GLU A 395 10.19 12.40 16.44
CA GLU A 395 8.98 11.88 15.84
C GLU A 395 8.96 10.36 15.83
N MET A 396 10.10 9.74 15.57
CA MET A 396 10.19 8.26 15.60
C MET A 396 9.81 7.76 16.98
N ALA A 397 10.31 8.45 18.02
CA ALA A 397 10.07 7.99 19.39
C ALA A 397 8.60 8.13 19.75
N LYS A 398 7.97 9.22 19.30
CA LYS A 398 6.53 9.38 19.49
C LYS A 398 5.70 8.27 18.83
N ARG A 399 6.03 7.95 17.58
CA ARG A 399 5.28 6.93 16.87
C ARG A 399 5.50 5.57 17.50
N ARG A 400 6.74 5.29 17.87
CA ARG A 400 7.04 4.02 18.53
C ARG A 400 6.23 3.88 19.82
N GLU A 401 6.17 4.95 20.61
CA GLU A 401 5.43 4.95 21.86
C GLU A 401 3.93 4.75 21.64
N GLN A 402 3.38 5.35 20.58
CA GLN A 402 1.98 5.12 20.26
C GLN A 402 1.69 3.66 19.92
N MET A 403 2.62 3.01 19.22
CA MET A 403 2.40 1.61 18.87
C MET A 403 2.45 0.75 20.15
N VAL A 404 3.42 1.02 21.01
CA VAL A 404 3.55 0.29 22.27
C VAL A 404 2.28 0.42 23.11
N LYS A 405 1.62 1.57 23.03
CA LYS A 405 0.36 1.80 23.74
C LYS A 405 -0.74 0.84 23.25
N ILE A 406 -0.73 0.53 21.95
CA ILE A 406 -1.63 -0.49 21.42
C ILE A 406 -1.30 -1.87 22.00
N CYS A 407 -0.03 -2.28 21.94
CA CYS A 407 0.36 -3.59 22.49
C CYS A 407 -0.04 -3.70 23.96
N SER A 408 0.03 -2.56 24.65
CA SER A 408 -0.21 -2.49 26.08
C SER A 408 -1.64 -2.78 26.49
N ALA A 409 -2.53 -2.83 25.51
CA ALA A 409 -3.89 -3.31 25.80
C ALA A 409 -3.85 -4.78 26.18
N CYS A 410 -2.83 -5.50 25.73
CA CYS A 410 -2.77 -6.96 25.91
C CYS A 410 -1.44 -7.55 26.43
N HIS A 411 -0.51 -6.67 26.77
CA HIS A 411 0.83 -7.06 27.17
C HIS A 411 1.38 -5.97 28.06
N ASN A 412 2.39 -6.29 28.87
CA ASN A 412 3.11 -5.25 29.58
C ASN A 412 4.03 -4.46 28.63
N THR A 413 4.39 -3.25 29.04
CA THR A 413 5.13 -2.34 28.19
C THR A 413 6.53 -2.81 27.86
N GLU A 414 7.21 -3.44 28.83
CA GLU A 414 8.58 -3.89 28.61
C GLU A 414 8.64 -5.03 27.58
N TYR A 415 7.63 -5.89 27.62
CA TYR A 415 7.44 -6.96 26.64
C TYR A 415 7.39 -6.39 25.22
N ALA A 416 6.57 -5.38 25.02
CA ALA A 416 6.46 -4.76 23.70
C ALA A 416 7.75 -4.03 23.30
N GLU A 417 8.34 -3.28 24.23
CA GLU A 417 9.58 -2.58 23.93
C GLU A 417 10.72 -3.53 23.58
N TYR A 418 10.76 -4.69 24.25
CA TYR A 418 11.76 -5.71 23.97
C TYR A 418 11.72 -6.13 22.50
N ARG A 419 10.52 -6.36 22.00
CA ARG A 419 10.35 -6.71 20.58
C ARG A 419 10.79 -5.56 19.64
N MET A 420 10.48 -4.33 20.02
CA MET A 420 10.87 -3.20 19.17
C MET A 420 12.38 -3.00 19.18
N ARG A 421 13.03 -3.31 20.31
CA ARG A 421 14.49 -3.29 20.38
C ARG A 421 15.11 -4.37 19.49
N LEU A 422 14.53 -5.57 19.54
CA LEU A 422 14.97 -6.66 18.68
C LEU A 422 14.84 -6.23 17.22
N LEU A 423 13.73 -5.55 16.91
CA LEU A 423 13.54 -5.04 15.54
C LEU A 423 14.67 -4.09 15.14
N ASP A 424 15.05 -3.16 16.04
CA ASP A 424 16.21 -2.32 15.75
C ASP A 424 17.48 -3.11 15.40
N THR A 425 17.75 -4.19 16.13
CA THR A 425 18.97 -4.97 15.86
C THR A 425 18.88 -5.64 14.48
N GLN A 426 17.68 -6.04 14.09
CA GLN A 426 17.49 -6.67 12.78
C GLN A 426 17.58 -5.68 11.64
N ILE A 427 17.16 -4.44 11.89
CA ILE A 427 17.33 -3.35 10.93
C ILE A 427 18.81 -3.13 10.71
N GLU A 428 19.58 -3.08 11.80
CA GLU A 428 21.02 -2.90 11.73
C GLU A 428 21.70 -4.05 10.99
N GLU A 429 21.35 -5.28 11.34
CA GLU A 429 21.99 -6.45 10.73
C GLU A 429 21.60 -6.64 9.26
N THR A 430 20.32 -6.48 8.95
CA THR A 430 19.93 -6.63 7.54
C THR A 430 20.52 -5.53 6.69
N ASN A 431 20.63 -4.32 7.23
CA ASN A 431 21.24 -3.25 6.48
C ASN A 431 22.72 -3.56 6.18
N LYS A 432 23.42 -4.19 7.12
CA LYS A 432 24.82 -4.55 6.88
C LYS A 432 24.94 -5.64 5.82
N ALA A 433 24.01 -6.59 5.85
CA ALA A 433 24.00 -7.66 4.84
C ALA A 433 23.76 -7.09 3.45
N THR A 434 22.87 -6.09 3.38
CA THR A 434 22.56 -5.40 2.14
C THR A 434 23.77 -4.61 1.63
N LEU A 435 24.54 -4.03 2.54
CA LEU A 435 25.76 -3.34 2.13
C LEU A 435 26.74 -4.33 1.54
N LYS A 436 26.79 -5.53 2.11
CA LYS A 436 27.69 -6.57 1.64
C LYS A 436 27.34 -7.01 0.21
N THR A 437 26.07 -7.26 -0.06
CA THR A 437 25.68 -7.67 -1.40
C THR A 437 25.88 -6.53 -2.40
N THR A 438 25.72 -5.30 -1.91
CA THR A 438 25.95 -4.13 -2.77
C THR A 438 27.42 -4.05 -3.20
N VAL A 439 28.33 -4.35 -2.28
CA VAL A 439 29.75 -4.33 -2.62
C VAL A 439 30.10 -5.48 -3.58
N LEU A 440 29.46 -6.63 -3.38
CA LEU A 440 29.63 -7.75 -4.32
C LEU A 440 29.15 -7.33 -5.72
N LEU A 441 28.06 -6.58 -5.79
CA LEU A 441 27.60 -6.10 -7.10
C LEU A 441 28.61 -5.14 -7.74
N LEU A 442 29.21 -4.26 -6.93
CA LEU A 442 30.26 -3.38 -7.45
C LEU A 442 31.43 -4.19 -7.99
N LYS A 443 31.73 -5.32 -7.35
CA LYS A 443 32.77 -6.22 -7.85
C LYS A 443 32.37 -6.86 -9.18
N ALA A 444 31.09 -7.21 -9.31
CA ALA A 444 30.58 -7.79 -10.54
C ALA A 444 30.70 -6.81 -11.69
N TRP A 445 30.40 -5.54 -11.42
CA TRP A 445 30.49 -4.52 -12.45
C TRP A 445 31.96 -4.24 -12.80
N GLN A 446 32.80 -4.22 -11.78
CA GLN A 446 34.23 -3.97 -11.95
C GLN A 446 34.93 -5.04 -12.78
N SER A 447 34.48 -6.30 -12.63
CA SER A 447 35.15 -7.43 -13.27
C SER A 447 34.57 -7.75 -14.63
N GLY A 448 33.44 -7.13 -14.96
CA GLY A 448 32.82 -7.31 -16.25
C GLY A 448 31.83 -8.46 -16.30
N LEU A 449 31.50 -9.04 -15.16
CA LEU A 449 30.49 -10.10 -15.11
C LEU A 449 29.12 -9.50 -15.43
N ALA A 450 28.93 -8.23 -15.07
CA ALA A 450 27.69 -7.52 -15.36
C ALA A 450 28.01 -6.13 -15.89
N HIS A 451 27.05 -5.56 -16.62
CA HIS A 451 27.21 -4.25 -17.27
C HIS A 451 26.35 -3.20 -16.58
N VAL A 452 26.85 -1.98 -16.49
CA VAL A 452 26.08 -0.91 -15.88
C VAL A 452 26.32 0.41 -16.61
N ASP A 453 25.28 1.23 -16.68
CA ASP A 453 25.31 2.54 -17.34
C ASP A 453 24.27 3.42 -16.66
N LEU A 454 24.72 4.36 -15.83
CA LEU A 454 23.81 5.13 -14.98
C LEU A 454 22.84 6.02 -15.79
N ALA A 455 23.26 6.40 -16.99
CA ALA A 455 22.40 7.17 -17.90
C ALA A 455 21.20 6.34 -18.39
N LYS A 456 21.27 5.03 -18.17
CA LYS A 456 20.22 4.10 -18.54
C LYS A 456 19.99 3.15 -17.37
N PRO A 457 19.21 3.59 -16.36
CA PRO A 457 19.02 2.89 -15.08
C PRO A 457 18.46 1.45 -15.20
N VAL A 458 17.84 1.09 -16.31
CA VAL A 458 17.36 -0.28 -16.45
C VAL A 458 18.55 -1.25 -16.36
N THR A 459 19.74 -0.78 -16.71
CA THR A 459 20.95 -1.60 -16.68
C THR A 459 21.43 -1.95 -15.28
N LEU A 460 20.80 -1.34 -14.27
CA LEU A 460 21.11 -1.67 -12.89
C LEU A 460 20.51 -3.00 -12.49
N PHE A 461 19.47 -3.44 -13.23
CA PHE A 461 18.58 -4.49 -12.76
C PHE A 461 18.31 -5.56 -13.80
N ASP A 462 19.05 -5.56 -14.90
CA ASP A 462 18.67 -6.34 -16.07
C ASP A 462 19.42 -7.66 -16.25
N GLU A 463 20.36 -7.95 -15.36
CA GLU A 463 21.10 -9.20 -15.45
C GLU A 463 20.96 -10.04 -14.19
N TYR A 464 21.28 -11.32 -14.31
CA TYR A 464 21.03 -12.29 -13.24
C TYR A 464 21.68 -11.94 -11.90
N ILE A 465 22.98 -11.65 -11.90
CA ILE A 465 23.64 -11.30 -10.63
C ILE A 465 23.06 -10.00 -10.03
N GLU A 466 22.57 -9.11 -10.88
CA GLU A 466 21.96 -7.88 -10.41
C GLU A 466 20.62 -8.18 -9.74
N LYS A 467 19.90 -9.16 -10.27
CA LYS A 467 18.63 -9.56 -9.67
C LYS A 467 18.85 -10.27 -8.33
N LEU A 468 19.97 -10.97 -8.20
CA LEU A 468 20.33 -11.58 -6.92
C LEU A 468 20.55 -10.49 -5.89
N TRP A 469 21.22 -9.41 -6.30
CA TRP A 469 21.41 -8.28 -5.40
C TRP A 469 20.06 -7.67 -5.00
N VAL A 470 19.18 -7.44 -5.97
CA VAL A 470 17.84 -6.94 -5.69
C VAL A 470 17.12 -7.76 -4.62
N GLU A 471 17.15 -9.09 -4.76
CA GLU A 471 16.46 -9.97 -3.82
C GLU A 471 17.00 -9.86 -2.40
N SER A 472 18.29 -9.58 -2.28
CA SER A 472 18.92 -9.48 -0.97
C SER A 472 18.20 -8.43 -0.12
N TRP A 473 17.84 -7.29 -0.72
CA TRP A 473 17.04 -6.31 -0.01
C TRP A 473 15.53 -6.46 -0.21
N LEU A 474 15.08 -6.51 -1.47
CA LEU A 474 13.65 -6.54 -1.78
C LEU A 474 12.92 -7.75 -1.21
N PHE A 475 13.57 -8.90 -1.15
CA PHE A 475 12.91 -10.08 -0.61
C PHE A 475 13.39 -10.40 0.81
N TYR A 476 14.68 -10.62 0.96
CA TYR A 476 15.17 -11.30 2.17
C TYR A 476 15.30 -10.34 3.36
N SER A 477 15.95 -9.19 3.15
CA SER A 477 16.09 -8.22 4.25
C SER A 477 14.70 -7.75 4.65
N ASN A 478 13.85 -7.48 3.66
CA ASN A 478 12.48 -7.09 3.96
C ASN A 478 11.74 -8.12 4.80
N SER A 479 11.84 -9.39 4.40
CA SER A 479 11.13 -10.44 5.12
C SER A 479 11.63 -10.55 6.55
N ILE A 480 12.94 -10.43 6.74
CA ILE A 480 13.50 -10.52 8.08
C ILE A 480 12.99 -9.41 8.99
N ARG A 481 12.95 -8.20 8.44
CA ARG A 481 12.46 -7.04 9.19
C ARG A 481 10.95 -7.18 9.45
N TYR A 482 10.19 -7.59 8.44
CA TYR A 482 8.75 -7.78 8.62
C TYR A 482 8.45 -8.84 9.70
N GLY A 483 9.17 -9.95 9.62
CA GLY A 483 8.97 -11.10 10.51
C GLY A 483 9.30 -10.72 11.95
N THR A 484 10.32 -9.88 12.11
CA THR A 484 10.72 -9.44 13.45
C THR A 484 9.67 -8.46 13.99
N ALA A 485 9.26 -7.52 13.15
CA ALA A 485 8.25 -6.53 13.55
C ALA A 485 6.93 -7.16 13.95
N MET A 486 6.52 -8.21 13.23
CA MET A 486 5.16 -8.73 13.40
C MET A 486 5.10 -10.21 13.81
N ASN A 487 6.18 -10.68 14.41
CA ASN A 487 6.22 -11.96 15.11
C ASN A 487 6.10 -13.15 14.19
N GLY A 488 6.86 -13.14 13.11
CA GLY A 488 6.95 -14.28 12.22
C GLY A 488 7.98 -15.26 12.77
N GLN A 489 8.13 -16.38 12.08
CA GLN A 489 9.13 -17.36 12.42
C GLN A 489 9.84 -17.83 11.14
N ASP A 490 9.13 -18.52 10.26
CA ASP A 490 9.82 -19.02 9.07
C ASP A 490 10.12 -17.95 8.03
N TRP A 491 9.37 -16.85 8.02
CA TRP A 491 9.70 -15.76 7.11
C TRP A 491 11.01 -15.07 7.49
N THR A 492 11.44 -15.24 8.74
CA THR A 492 12.73 -14.70 9.14
C THR A 492 13.85 -15.73 8.95
N THR A 493 13.50 -16.93 8.51
CA THR A 493 14.45 -18.03 8.48
C THR A 493 14.60 -18.69 7.08
N PHE A 494 13.99 -19.85 6.88
CA PHE A 494 14.26 -20.63 5.68
C PHE A 494 13.43 -20.23 4.48
N LYS A 495 12.20 -19.80 4.73
CA LYS A 495 11.29 -19.46 3.66
C LYS A 495 11.80 -18.24 2.87
N ARG A 496 12.20 -17.19 3.56
CA ARG A 496 12.54 -15.95 2.86
C ARG A 496 13.44 -15.07 3.74
N GLY A 497 14.07 -15.68 4.74
CA GLY A 497 14.75 -14.90 5.77
C GLY A 497 16.26 -15.10 5.83
N TRP A 498 16.80 -15.23 7.05
CA TRP A 498 18.25 -15.26 7.23
C TRP A 498 18.96 -16.30 6.38
N TYR A 499 18.37 -17.49 6.30
CA TYR A 499 19.00 -18.55 5.52
C TYR A 499 19.12 -18.13 4.06
N GLN A 500 18.04 -17.54 3.53
CA GLN A 500 18.04 -17.14 2.13
C GLN A 500 19.01 -16.00 1.88
N LEU A 501 19.08 -15.08 2.84
CA LEU A 501 19.96 -13.92 2.70
C LEU A 501 21.43 -14.36 2.68
N THR A 502 21.81 -15.23 3.62
CA THR A 502 23.18 -15.70 3.64
C THR A 502 23.49 -16.61 2.43
N LYS A 503 22.48 -17.36 1.98
CA LYS A 503 22.64 -18.13 0.74
C LYS A 503 22.87 -17.21 -0.46
N ASP A 504 22.10 -16.12 -0.51
CA ASP A 504 22.23 -15.17 -1.61
C ASP A 504 23.63 -14.54 -1.66
N ILE A 505 24.15 -14.13 -0.52
CA ILE A 505 25.52 -13.63 -0.43
C ILE A 505 26.51 -14.62 -1.02
N GLU A 506 26.39 -15.88 -0.61
CA GLU A 506 27.28 -16.91 -1.11
C GLU A 506 27.02 -17.23 -2.58
N HIS A 507 25.77 -17.13 -3.00
CA HIS A 507 25.45 -17.35 -4.41
C HIS A 507 26.17 -16.31 -5.27
N MET A 508 26.10 -15.04 -4.87
CA MET A 508 26.85 -14.01 -5.57
C MET A 508 28.35 -14.27 -5.57
N LYS A 509 28.90 -14.69 -4.42
CA LYS A 509 30.32 -14.97 -4.34
C LYS A 509 30.75 -16.12 -5.26
N THR A 510 29.91 -17.15 -5.34
CA THR A 510 30.20 -18.28 -6.22
C THR A 510 30.24 -17.86 -7.69
N LEU A 511 29.27 -17.06 -8.12
CA LEU A 511 29.25 -16.55 -9.49
C LEU A 511 30.52 -15.73 -9.81
N LEU A 512 30.91 -14.86 -8.88
CA LEU A 512 32.14 -14.10 -9.03
C LEU A 512 33.37 -15.01 -9.13
N ARG A 513 33.43 -16.04 -8.30
CA ARG A 513 34.51 -17.03 -8.34
C ARG A 513 34.57 -17.80 -9.65
N LEU A 514 33.42 -18.24 -10.14
CA LEU A 514 33.36 -18.94 -11.43
C LEU A 514 33.82 -18.05 -12.56
N TRP A 515 33.38 -16.79 -12.51
CA TRP A 515 33.76 -15.81 -13.52
C TRP A 515 35.26 -15.59 -13.54
N GLU A 516 35.85 -15.39 -12.36
CA GLU A 516 37.30 -15.19 -12.27
C GLU A 516 38.08 -16.42 -12.69
N ALA A 517 37.57 -17.61 -12.36
CA ALA A 517 38.22 -18.86 -12.76
C ALA A 517 38.20 -19.02 -14.28
N ALA A 518 37.12 -18.58 -14.90
CA ALA A 518 36.99 -18.63 -16.37
C ALA A 518 37.86 -17.60 -17.07
N ARG A 519 38.25 -16.54 -16.36
CA ARG A 519 39.12 -15.51 -16.92
C ARG A 519 40.59 -15.84 -16.74
N ALA A 520 41.00 -16.05 -15.50
CA ALA A 520 42.40 -16.33 -15.18
C ALA A 520 42.87 -17.68 -15.71
N ALA A 521 41.93 -18.49 -16.20
CA ALA A 521 42.26 -19.76 -16.82
C ALA A 521 43.09 -19.55 -18.07
#